data_2R9F
#
_entry.id   2R9F
#
_cell.length_a   40.569
_cell.length_b   70.568
_cell.length_c   110.406
_cell.angle_alpha   90.00
_cell.angle_beta   90.00
_cell.angle_gamma   90.00
#
_symmetry.space_group_name_H-M   'P 21 21 21'
#
loop_
_entity.id
_entity.type
_entity.pdbx_description
1 polymer 'Calpain-1 catalytic subunit'
2 non-polymer 'CALCIUM ION'
3 non-polymer 'CHLORIDE ION'
4 non-polymer 'benzyl [(1S)-1-{[(1S,2S)-1-ethyl-2-hydroxy-3-{[3-(4-methylpiperazin-1-yl)propyl]amino}-3-oxopropyl]carbamoyl}-3-methylbutyl]carbamate'
5 non-polymer GLYCEROL
6 water water
#
_entity_poly.entity_id   1
_entity_poly.type   'polypeptide(L)'
_entity_poly.pdbx_seq_one_letter_code
;MGLGRHENAIKYLGQDYENLRARCLQNGVLFQDDAFPPVSHSLGFKELGPNSSKTYGIKWKRPTELLSNPQFIVDGATRT
DICQGALGDCWLLAAIASLTLNETILHRVVPYGQSFQEGYAGIFHFQLWQFGEWVDVVVDDLLPTKDGKLVFVHSAQGNE
FWSALLEKAYAKVNGSYEALSGGCTSEAFEDFTGGVTEWYDLQKAPSDLYQIILKALERGSLLGCSINISDIRDLEAITF
KNLVRGHAYSVTDAKQVTYQGQRVNLIRMRNPWGEVEWKGPWSDNSYEWNKVDPYEREQLRVKMEDGEFWMSFRDFIREF
TKLEICNLTPDLEHHHHHH
;
_entity_poly.pdbx_strand_id   A
#
loop_
_chem_comp.id
_chem_comp.type
_chem_comp.name
_chem_comp.formula
CA non-polymer 'CALCIUM ION' 'Ca 2'
CL non-polymer 'CHLORIDE ION' 'Cl -1'
GOL non-polymer GLYCEROL 'C3 H8 O3'
K2Z non-polymer 'benzyl [(1S)-1-{[(1S,2S)-1-ethyl-2-hydroxy-3-{[3-(4-methylpiperazin-1-yl)propyl]amino}-3-oxopropyl]carbamoyl}-3-methylbutyl]carbamate' 'C27 H45 N5 O5'
#
# COMPACT_ATOMS: atom_id res chain seq x y z
N ASN A 8 -4.72 -19.80 15.67
CA ASN A 8 -4.95 -19.80 14.20
C ASN A 8 -6.12 -18.91 13.80
N ALA A 9 -5.98 -18.21 12.68
CA ALA A 9 -7.06 -17.41 12.12
C ALA A 9 -8.27 -18.29 11.79
N ILE A 10 -9.46 -17.76 12.01
CA ILE A 10 -10.66 -18.53 11.69
C ILE A 10 -11.03 -18.19 10.23
N LYS A 11 -11.76 -19.07 9.58
CA LYS A 11 -11.98 -18.95 8.14
C LYS A 11 -13.14 -18.04 7.80
N TYR A 12 -12.86 -17.00 7.01
CA TYR A 12 -13.91 -16.13 6.54
C TYR A 12 -14.93 -16.90 5.69
N LEU A 13 -16.21 -16.81 6.09
CA LEU A 13 -17.31 -17.48 5.36
C LEU A 13 -17.20 -19.02 5.41
N GLY A 14 -16.29 -19.53 6.25
CA GLY A 14 -16.05 -20.97 6.33
C GLY A 14 -15.23 -21.50 5.18
N GLN A 15 -14.67 -20.60 4.34
CA GLN A 15 -13.88 -21.09 3.22
C GLN A 15 -12.50 -21.53 3.71
N ASP A 16 -12.11 -22.75 3.33
CA ASP A 16 -10.94 -23.42 3.88
C ASP A 16 -9.82 -23.50 2.83
N TYR A 17 -8.85 -22.57 2.91
CA TYR A 17 -7.77 -22.51 1.92
C TYR A 17 -7.15 -23.87 1.57
N GLU A 18 -6.57 -24.55 2.56
CA GLU A 18 -5.81 -25.75 2.24
CA GLU A 18 -5.81 -25.77 2.25
C GLU A 18 -6.71 -26.85 1.67
N ASN A 19 -7.93 -26.97 2.21
CA ASN A 19 -8.87 -27.96 1.70
C ASN A 19 -9.31 -27.64 0.26
N LEU A 20 -9.63 -26.38 -0.03
CA LEU A 20 -10.05 -25.99 -1.38
C LEU A 20 -8.90 -26.22 -2.37
N ARG A 21 -7.69 -25.84 -1.96
CA ARG A 21 -6.52 -25.97 -2.82
C ARG A 21 -6.28 -27.44 -3.16
N ALA A 22 -6.28 -28.29 -2.13
CA ALA A 22 -6.01 -29.72 -2.30
C ALA A 22 -7.09 -30.37 -3.17
N ARG A 23 -8.33 -29.97 -2.97
CA ARG A 23 -9.43 -30.55 -3.76
C ARG A 23 -9.40 -30.08 -5.21
N CYS A 24 -9.06 -28.81 -5.44
CA CYS A 24 -8.90 -28.35 -6.83
C CYS A 24 -7.79 -29.13 -7.51
N LEU A 25 -6.69 -29.37 -6.79
CA LEU A 25 -5.54 -30.07 -7.38
C LEU A 25 -5.93 -31.49 -7.76
N GLN A 26 -6.63 -32.17 -6.87
CA GLN A 26 -7.10 -33.55 -7.08
C GLN A 26 -8.06 -33.62 -8.27
N ASN A 27 -8.94 -32.61 -8.37
CA ASN A 27 -9.96 -32.57 -9.42
C ASN A 27 -9.45 -32.00 -10.75
N GLY A 28 -8.18 -31.58 -10.80
CA GLY A 28 -7.54 -31.11 -12.04
C GLY A 28 -8.06 -29.77 -12.54
N VAL A 29 -8.53 -28.94 -11.61
CA VAL A 29 -9.11 -27.64 -11.98
C VAL A 29 -8.45 -26.52 -11.17
N LEU A 30 -8.64 -25.28 -11.63
CA LEU A 30 -8.26 -24.09 -10.86
C LEU A 30 -9.45 -23.51 -10.08
N PHE A 31 -9.18 -23.00 -8.87
CA PHE A 31 -10.23 -22.44 -8.03
C PHE A 31 -10.94 -21.28 -8.72
N GLN A 32 -12.27 -21.24 -8.56
CA GLN A 32 -13.08 -20.05 -8.88
C GLN A 32 -13.94 -19.79 -7.65
N ASP A 33 -13.89 -18.55 -7.17
CA ASP A 33 -14.44 -18.20 -5.86
C ASP A 33 -15.91 -17.81 -5.93
N ASP A 34 -16.80 -18.70 -5.49
CA ASP A 34 -18.24 -18.39 -5.43
C ASP A 34 -18.54 -17.17 -4.58
N ALA A 35 -17.67 -16.87 -3.60
CA ALA A 35 -17.92 -15.78 -2.66
C ALA A 35 -17.47 -14.40 -3.20
N PHE A 36 -16.74 -14.38 -4.32
CA PHE A 36 -16.23 -13.15 -4.89
C PHE A 36 -15.83 -13.51 -6.32
N PRO A 37 -16.83 -13.79 -7.15
CA PRO A 37 -16.57 -14.37 -8.47
C PRO A 37 -16.05 -13.37 -9.50
N PRO A 38 -15.53 -13.88 -10.62
CA PRO A 38 -14.92 -13.05 -11.68
C PRO A 38 -15.98 -12.47 -12.60
N VAL A 39 -16.81 -11.59 -12.04
CA VAL A 39 -17.92 -10.94 -12.76
C VAL A 39 -18.05 -9.50 -12.28
N SER A 40 -18.89 -8.72 -12.96
CA SER A 40 -18.92 -7.26 -12.72
C SER A 40 -19.29 -6.87 -11.28
N HIS A 41 -20.13 -7.66 -10.61
CA HIS A 41 -20.51 -7.34 -9.24
C HIS A 41 -19.34 -7.32 -8.25
N SER A 42 -18.27 -8.04 -8.58
CA SER A 42 -17.02 -7.94 -7.77
C SER A 42 -16.21 -6.66 -8.06
N LEU A 43 -16.38 -6.10 -9.26
CA LEU A 43 -15.77 -4.78 -9.60
C LEU A 43 -16.47 -3.66 -8.84
N GLY A 44 -17.79 -3.63 -8.96
CA GLY A 44 -18.55 -2.54 -8.35
C GLY A 44 -20.00 -2.49 -8.75
N PHE A 45 -20.57 -1.28 -8.60
CA PHE A 45 -22.02 -1.06 -8.61
C PHE A 45 -22.46 0.22 -9.33
N LYS A 46 -21.55 1.17 -9.50
CA LYS A 46 -21.87 2.46 -10.12
C LYS A 46 -20.78 2.83 -11.12
N GLU A 47 -19.69 3.37 -10.62
CA GLU A 47 -18.53 3.68 -11.46
CA GLU A 47 -18.53 3.69 -11.45
C GLU A 47 -17.94 2.42 -12.09
N LEU A 48 -18.07 1.30 -11.38
CA LEU A 48 -17.62 0.00 -11.89
C LEU A 48 -18.79 -1.00 -11.93
N GLY A 49 -19.98 -0.49 -12.25
CA GLY A 49 -21.18 -1.31 -12.35
C GLY A 49 -21.30 -2.01 -13.69
N PRO A 50 -22.29 -2.93 -13.84
CA PRO A 50 -22.45 -3.75 -15.04
C PRO A 50 -22.56 -2.95 -16.33
N ASN A 51 -23.07 -1.72 -16.25
CA ASN A 51 -23.36 -0.92 -17.46
C ASN A 51 -22.47 0.33 -17.62
N SER A 52 -21.28 0.27 -17.05
CA SER A 52 -20.38 1.41 -17.00
C SER A 52 -19.23 1.28 -17.99
N SER A 53 -18.73 2.42 -18.43
CA SER A 53 -17.62 2.47 -19.39
C SER A 53 -16.37 1.72 -18.91
N LYS A 54 -16.06 1.89 -17.64
CA LYS A 54 -14.90 1.23 -17.05
C LYS A 54 -15.05 -0.30 -17.02
N THR A 55 -16.25 -0.77 -16.66
CA THR A 55 -16.50 -2.20 -16.55
C THR A 55 -16.34 -2.89 -17.90
N TYR A 56 -16.90 -2.28 -18.94
CA TYR A 56 -16.94 -2.89 -20.28
C TYR A 56 -15.60 -3.36 -20.89
N GLY A 57 -14.51 -2.65 -20.61
CA GLY A 57 -13.18 -3.03 -21.14
C GLY A 57 -12.41 -4.10 -20.34
N ILE A 58 -12.86 -4.35 -19.11
CA ILE A 58 -12.13 -5.23 -18.17
C ILE A 58 -12.39 -6.70 -18.46
N LYS A 59 -11.33 -7.48 -18.51
CA LYS A 59 -11.45 -8.94 -18.59
C LYS A 59 -10.68 -9.56 -17.43
N TRP A 60 -11.26 -10.58 -16.82
CA TRP A 60 -10.64 -11.27 -15.69
C TRP A 60 -9.69 -12.34 -16.21
N LYS A 61 -8.43 -12.23 -15.78
CA LYS A 61 -7.36 -13.15 -16.19
C LYS A 61 -6.43 -13.53 -15.02
N ARG A 62 -6.01 -14.80 -15.00
CA ARG A 62 -5.04 -15.26 -14.00
C ARG A 62 -3.60 -14.87 -14.38
N PRO A 63 -2.71 -14.64 -13.38
CA PRO A 63 -1.32 -14.34 -13.74
C PRO A 63 -0.68 -15.43 -14.61
N THR A 64 -1.18 -16.66 -14.47
CA THR A 64 -0.70 -17.83 -15.24
C THR A 64 -1.24 -17.85 -16.67
N GLU A 65 -2.22 -16.98 -16.94
CA GLU A 65 -2.75 -16.74 -18.31
C GLU A 65 -2.03 -15.56 -18.97
N LEU A 66 -1.52 -14.64 -18.15
CA LEU A 66 -0.80 -13.45 -18.62
C LEU A 66 0.66 -13.71 -18.97
N LEU A 67 1.37 -14.43 -18.11
CA LEU A 67 2.81 -14.58 -18.20
C LEU A 67 3.22 -16.02 -18.11
N SER A 68 4.37 -16.32 -18.71
CA SER A 68 4.93 -17.65 -18.63
CA SER A 68 4.95 -17.65 -18.64
C SER A 68 5.46 -17.98 -17.24
N ASN A 69 6.03 -16.97 -16.57
CA ASN A 69 6.67 -17.14 -15.27
C ASN A 69 6.17 -16.14 -14.20
N PRO A 70 4.87 -16.21 -13.85
CA PRO A 70 4.41 -15.28 -12.81
C PRO A 70 4.97 -15.67 -11.44
N GLN A 71 5.20 -14.69 -10.58
CA GLN A 71 5.78 -14.95 -9.28
C GLN A 71 4.91 -14.30 -8.20
N PHE A 72 4.71 -14.99 -7.10
CA PHE A 72 3.99 -14.40 -5.98
C PHE A 72 4.84 -13.27 -5.36
N ILE A 73 6.06 -13.59 -4.95
CA ILE A 73 6.97 -12.60 -4.42
C ILE A 73 8.32 -12.63 -5.15
N VAL A 74 8.79 -11.46 -5.59
CA VAL A 74 10.09 -11.31 -6.28
C VAL A 74 10.95 -10.33 -5.47
N ASP A 75 12.15 -10.75 -5.06
CA ASP A 75 13.07 -9.84 -4.31
C ASP A 75 12.36 -9.23 -3.07
N GLY A 76 11.58 -10.07 -2.38
CA GLY A 76 10.88 -9.68 -1.16
C GLY A 76 9.59 -8.93 -1.42
N ALA A 77 8.71 -8.94 -0.42
CA ALA A 77 7.48 -8.14 -0.44
C ALA A 77 7.87 -6.77 0.15
N THR A 78 8.08 -5.79 -0.72
CA THR A 78 8.53 -4.46 -0.31
C THR A 78 7.62 -3.36 -0.85
N ARG A 79 7.86 -2.13 -0.39
CA ARG A 79 6.96 -1.01 -0.71
C ARG A 79 6.92 -0.63 -2.19
N THR A 80 7.99 -0.92 -2.93
CA THR A 80 8.04 -0.63 -4.38
C THR A 80 7.06 -1.52 -5.17
N ASP A 81 6.54 -2.51 -4.45
CA ASP A 81 5.60 -3.49 -5.02
C ASP A 81 4.18 -2.92 -5.05
N ILE A 82 4.04 -1.72 -4.52
CA ILE A 82 2.73 -1.08 -4.37
C ILE A 82 2.60 0.11 -5.30
N CYS A 83 2.03 -0.14 -6.49
CA CYS A 83 1.85 0.92 -7.46
C CYS A 83 0.38 1.00 -7.82
N GLN A 84 -0.25 2.09 -7.38
CA GLN A 84 -1.69 2.25 -7.47
C GLN A 84 -2.21 2.21 -8.90
N GLY A 85 -3.36 1.58 -9.06
CA GLY A 85 -4.09 1.54 -10.34
C GLY A 85 -5.30 2.47 -10.38
N ALA A 86 -6.30 2.11 -11.18
CA ALA A 86 -7.43 3.02 -11.43
C ALA A 86 -8.57 2.83 -10.41
N LEU A 87 -8.32 3.27 -9.17
CA LEU A 87 -9.28 3.09 -8.09
C LEU A 87 -8.92 4.06 -6.99
N GLY A 88 -9.92 4.47 -6.19
CA GLY A 88 -9.70 5.44 -5.13
C GLY A 88 -9.21 4.84 -3.83
N ASP A 89 -8.32 3.86 -3.90
CA ASP A 89 -7.91 3.15 -2.68
C ASP A 89 -6.51 3.50 -2.19
N CYS A 90 -6.15 4.78 -2.35
CA CYS A 90 -4.81 5.21 -1.95
C CYS A 90 -4.60 4.93 -0.45
N TRP A 91 -5.64 5.12 0.35
CA TRP A 91 -5.56 4.89 1.81
C TRP A 91 -5.15 3.44 2.13
N LEU A 92 -5.74 2.50 1.40
CA LEU A 92 -5.41 1.09 1.57
C LEU A 92 -3.98 0.82 1.15
N LEU A 93 -3.60 1.32 -0.03
CA LEU A 93 -2.27 1.06 -0.57
C LEU A 93 -1.13 1.71 0.25
N ALA A 94 -1.40 2.91 0.79
CA ALA A 94 -0.44 3.56 1.71
C ALA A 94 -0.19 2.64 2.91
N ALA A 95 -1.28 2.01 3.40
CA ALA A 95 -1.22 1.10 4.53
C ALA A 95 -0.42 -0.15 4.18
N ILE A 96 -0.69 -0.74 3.01
CA ILE A 96 0.14 -1.88 2.58
C ILE A 96 1.64 -1.53 2.46
N ALA A 97 1.96 -0.40 1.83
CA ALA A 97 3.35 0.02 1.70
C ALA A 97 3.99 0.11 3.10
N SER A 98 3.27 0.73 4.04
CA SER A 98 3.80 0.86 5.41
C SER A 98 4.00 -0.50 6.09
N LEU A 99 3.04 -1.39 5.87
CA LEU A 99 3.07 -2.73 6.41
C LEU A 99 4.37 -3.47 6.06
N THR A 100 4.83 -3.31 4.80
CA THR A 100 6.05 -3.99 4.36
C THR A 100 7.29 -3.67 5.18
N LEU A 101 7.29 -2.54 5.89
CA LEU A 101 8.46 -2.13 6.68
C LEU A 101 8.61 -2.93 7.99
N ASN A 102 7.62 -3.75 8.30
CA ASN A 102 7.61 -4.54 9.54
C ASN A 102 7.39 -6.00 9.12
N GLU A 103 8.50 -6.73 9.00
CA GLU A 103 8.50 -8.10 8.49
C GLU A 103 7.54 -9.02 9.26
N THR A 104 7.56 -8.91 10.59
CA THR A 104 6.67 -9.68 11.47
C THR A 104 5.19 -9.55 11.08
N ILE A 105 4.67 -8.33 11.01
CA ILE A 105 3.25 -8.16 10.71
CA ILE A 105 3.26 -8.11 10.71
C ILE A 105 2.97 -8.34 9.21
N LEU A 106 3.95 -8.04 8.38
CA LEU A 106 3.80 -8.28 6.95
C LEU A 106 3.47 -9.75 6.70
N HIS A 107 4.22 -10.64 7.35
CA HIS A 107 4.04 -12.05 7.04
C HIS A 107 2.94 -12.76 7.84
N ARG A 108 2.28 -12.02 8.73
CA ARG A 108 1.01 -12.52 9.26
CA ARG A 108 1.01 -12.46 9.30
C ARG A 108 -0.07 -12.24 8.23
N VAL A 109 -0.04 -11.06 7.63
CA VAL A 109 -1.07 -10.69 6.65
C VAL A 109 -0.87 -11.49 5.35
N VAL A 110 0.38 -11.66 4.96
CA VAL A 110 0.74 -12.37 3.73
C VAL A 110 1.45 -13.68 4.12
N PRO A 111 0.67 -14.77 4.30
CA PRO A 111 1.29 -16.05 4.70
C PRO A 111 2.38 -16.55 3.78
N TYR A 112 3.38 -17.19 4.40
CA TYR A 112 4.51 -17.77 3.70
C TYR A 112 4.06 -18.95 2.85
N GLY A 113 4.84 -19.25 1.83
CA GLY A 113 4.73 -20.50 1.10
C GLY A 113 3.69 -20.54 -0.02
N GLN A 114 3.34 -19.39 -0.57
CA GLN A 114 2.38 -19.33 -1.68
C GLN A 114 3.11 -19.13 -2.99
N SER A 115 2.70 -19.87 -4.01
CA SER A 115 3.43 -19.78 -5.26
C SER A 115 2.60 -20.18 -6.48
N PHE A 116 3.10 -19.82 -7.66
CA PHE A 116 2.51 -20.25 -8.92
C PHE A 116 3.12 -21.55 -9.45
N GLN A 117 4.00 -22.18 -8.66
CA GLN A 117 4.63 -23.43 -9.09
C GLN A 117 4.03 -24.64 -8.38
N GLU A 118 4.84 -25.41 -7.68
CA GLU A 118 4.35 -26.66 -7.10
C GLU A 118 3.18 -26.40 -6.13
N GLY A 119 2.07 -27.08 -6.36
CA GLY A 119 0.89 -26.99 -5.47
C GLY A 119 -0.11 -25.92 -5.86
N TYR A 120 0.24 -25.13 -6.88
CA TYR A 120 -0.67 -24.07 -7.40
C TYR A 120 -1.96 -24.67 -7.92
N ALA A 121 -3.08 -24.09 -7.47
CA ALA A 121 -4.41 -24.44 -7.99
C ALA A 121 -5.30 -23.20 -8.12
N GLY A 122 -4.70 -22.03 -8.32
CA GLY A 122 -5.45 -20.81 -8.64
C GLY A 122 -6.12 -20.17 -7.44
N ILE A 123 -5.57 -20.48 -6.26
CA ILE A 123 -6.11 -19.94 -4.98
C ILE A 123 -4.99 -19.42 -4.07
N PHE A 124 -5.25 -18.25 -3.46
CA PHE A 124 -4.34 -17.61 -2.50
C PHE A 124 -5.12 -17.22 -1.26
N HIS A 125 -4.41 -16.88 -0.19
CA HIS A 125 -5.07 -16.46 1.05
C HIS A 125 -4.25 -15.40 1.79
N PHE A 126 -4.96 -14.62 2.60
CA PHE A 126 -4.37 -13.52 3.37
C PHE A 126 -5.11 -13.45 4.70
N GLN A 127 -4.49 -12.84 5.69
CA GLN A 127 -5.09 -12.72 7.03
C GLN A 127 -5.31 -11.27 7.36
N LEU A 128 -6.53 -10.98 7.82
CA LEU A 128 -6.93 -9.63 8.16
C LEU A 128 -7.55 -9.62 9.55
N TRP A 129 -7.52 -8.47 10.23
CA TRP A 129 -8.23 -8.24 11.50
C TRP A 129 -9.60 -7.69 11.10
N GLN A 130 -10.65 -8.52 11.28
CA GLN A 130 -11.99 -8.19 10.81
C GLN A 130 -13.04 -8.76 11.72
N PHE A 131 -14.14 -8.03 11.88
CA PHE A 131 -15.24 -8.44 12.75
C PHE A 131 -14.78 -8.80 14.17
N GLY A 132 -13.71 -8.16 14.64
CA GLY A 132 -13.11 -8.48 15.95
C GLY A 132 -12.40 -9.83 16.04
N GLU A 133 -11.95 -10.34 14.89
CA GLU A 133 -11.26 -11.64 14.78
C GLU A 133 -10.09 -11.51 13.79
N TRP A 134 -9.04 -12.30 13.97
CA TRP A 134 -8.12 -12.57 12.85
C TRP A 134 -8.75 -13.61 11.94
N VAL A 135 -8.97 -13.22 10.67
CA VAL A 135 -9.69 -14.07 9.71
C VAL A 135 -8.78 -14.38 8.52
N ASP A 136 -8.82 -15.62 8.05
CA ASP A 136 -8.19 -16.01 6.80
C ASP A 136 -9.20 -15.86 5.66
N VAL A 137 -8.77 -15.13 4.61
CA VAL A 137 -9.60 -14.81 3.47
C VAL A 137 -8.96 -15.40 2.22
N VAL A 138 -9.71 -16.23 1.48
CA VAL A 138 -9.23 -16.80 0.20
C VAL A 138 -9.67 -15.94 -0.97
N VAL A 139 -8.90 -15.99 -2.07
CA VAL A 139 -9.36 -15.48 -3.37
C VAL A 139 -8.86 -16.42 -4.43
N ASP A 140 -9.59 -16.50 -5.54
CA ASP A 140 -9.01 -17.14 -6.73
C ASP A 140 -8.11 -16.06 -7.34
N ASP A 141 -7.21 -16.45 -8.27
CA ASP A 141 -6.24 -15.46 -8.79
C ASP A 141 -6.68 -14.81 -10.09
N LEU A 142 -7.96 -14.93 -10.45
CA LEU A 142 -8.48 -14.12 -11.53
C LEU A 142 -8.44 -12.64 -11.14
N LEU A 143 -7.81 -11.83 -12.00
CA LEU A 143 -7.60 -10.40 -11.69
C LEU A 143 -8.14 -9.51 -12.81
N PRO A 144 -8.66 -8.32 -12.46
CA PRO A 144 -9.17 -7.43 -13.51
C PRO A 144 -8.02 -6.91 -14.38
N THR A 145 -8.14 -7.09 -15.69
CA THR A 145 -7.09 -6.65 -16.63
C THR A 145 -7.71 -5.91 -17.82
N LYS A 146 -6.88 -5.12 -18.49
CA LYS A 146 -7.27 -4.49 -19.75
C LYS A 146 -6.04 -4.50 -20.64
N ASP A 147 -6.19 -5.01 -21.86
CA ASP A 147 -5.04 -5.12 -22.78
C ASP A 147 -3.86 -5.84 -22.12
N GLY A 148 -4.17 -6.85 -21.31
CA GLY A 148 -3.17 -7.70 -20.71
C GLY A 148 -2.46 -7.14 -19.46
N LYS A 149 -2.87 -5.95 -19.03
CA LYS A 149 -2.25 -5.29 -17.87
C LYS A 149 -3.24 -5.20 -16.72
N LEU A 150 -2.75 -5.31 -15.49
CA LEU A 150 -3.59 -5.12 -14.32
C LEU A 150 -4.23 -3.73 -14.32
N VAL A 151 -5.52 -3.64 -14.00
CA VAL A 151 -6.22 -2.34 -13.90
C VAL A 151 -5.97 -1.64 -12.55
N PHE A 152 -5.94 -2.42 -11.48
CA PHE A 152 -5.78 -1.88 -10.14
C PHE A 152 -4.32 -1.99 -9.66
N VAL A 153 -4.06 -2.37 -8.40
CA VAL A 153 -2.67 -2.30 -7.92
C VAL A 153 -1.76 -3.26 -8.68
N HIS A 154 -0.50 -2.82 -8.88
CA HIS A 154 0.50 -3.68 -9.51
C HIS A 154 1.88 -3.37 -8.91
N SER A 155 2.82 -4.29 -9.11
CA SER A 155 4.18 -4.10 -8.63
C SER A 155 5.01 -3.41 -9.71
N ALA A 156 6.01 -2.65 -9.28
CA ALA A 156 7.03 -2.14 -10.20
C ALA A 156 7.74 -3.31 -10.91
N GLN A 157 7.75 -4.48 -10.27
CA GLN A 157 8.22 -5.73 -10.86
C GLN A 157 7.03 -6.36 -11.58
N GLY A 158 7.04 -6.29 -12.91
CA GLY A 158 5.83 -6.61 -13.70
C GLY A 158 5.35 -8.06 -13.62
N ASN A 159 6.19 -8.94 -13.07
CA ASN A 159 5.80 -10.35 -12.96
C ASN A 159 5.43 -10.76 -11.53
N GLU A 160 5.27 -9.77 -10.65
CA GLU A 160 5.02 -10.05 -9.23
C GLU A 160 3.59 -9.72 -8.84
N PHE A 161 2.95 -10.64 -8.12
CA PHE A 161 1.49 -10.59 -7.92
C PHE A 161 0.93 -10.52 -6.47
N TRP A 162 1.77 -10.66 -5.44
CA TRP A 162 1.21 -10.69 -4.07
C TRP A 162 0.36 -9.45 -3.74
N SER A 163 0.81 -8.26 -4.13
CA SER A 163 0.06 -7.04 -3.78
C SER A 163 -1.27 -6.94 -4.53
N ALA A 164 -1.28 -7.32 -5.82
CA ALA A 164 -2.57 -7.41 -6.56
C ALA A 164 -3.53 -8.37 -5.86
N LEU A 165 -2.99 -9.47 -5.39
CA LEU A 165 -3.86 -10.48 -4.73
C LEU A 165 -4.36 -10.00 -3.36
N LEU A 166 -3.48 -9.34 -2.60
CA LEU A 166 -3.88 -8.78 -1.29
C LEU A 166 -4.98 -7.70 -1.47
N GLU A 167 -4.77 -6.78 -2.41
CA GLU A 167 -5.82 -5.79 -2.71
C GLU A 167 -7.16 -6.49 -3.09
N LYS A 168 -7.07 -7.58 -3.86
CA LYS A 168 -8.30 -8.30 -4.21
C LYS A 168 -8.99 -8.90 -2.97
N ALA A 169 -8.23 -9.51 -2.07
CA ALA A 169 -8.80 -10.04 -0.79
C ALA A 169 -9.45 -8.94 0.07
N TYR A 170 -8.81 -7.79 0.12
CA TYR A 170 -9.36 -6.66 0.86
C TYR A 170 -10.67 -6.14 0.19
N ALA A 171 -10.69 -6.08 -1.14
CA ALA A 171 -11.91 -5.76 -1.87
C ALA A 171 -13.03 -6.75 -1.51
N LYS A 172 -12.68 -8.03 -1.48
CA LYS A 172 -13.64 -9.12 -1.21
C LYS A 172 -14.37 -8.92 0.14
N VAL A 173 -13.60 -8.66 1.21
CA VAL A 173 -14.23 -8.48 2.53
C VAL A 173 -15.14 -7.26 2.57
N ASN A 174 -14.84 -6.27 1.71
CA ASN A 174 -15.64 -5.04 1.62
C ASN A 174 -16.74 -5.04 0.56
N GLY A 175 -16.82 -6.11 -0.22
CA GLY A 175 -17.93 -6.30 -1.14
C GLY A 175 -17.59 -6.11 -2.62
N SER A 176 -16.67 -5.19 -2.90
CA SER A 176 -16.27 -4.91 -4.30
C SER A 176 -15.05 -4.02 -4.30
N TYR A 177 -14.37 -3.95 -5.44
CA TYR A 177 -13.30 -2.97 -5.60
C TYR A 177 -13.83 -1.53 -5.42
N GLU A 178 -14.98 -1.24 -6.01
CA GLU A 178 -15.52 0.12 -5.94
C GLU A 178 -15.79 0.53 -4.48
N ALA A 179 -16.15 -0.44 -3.65
CA ALA A 179 -16.33 -0.19 -2.20
C ALA A 179 -15.08 0.42 -1.53
N LEU A 180 -13.92 0.24 -2.15
CA LEU A 180 -12.66 0.76 -1.64
C LEU A 180 -12.36 2.20 -2.00
N SER A 181 -13.18 2.82 -2.86
CA SER A 181 -12.88 4.17 -3.34
C SER A 181 -13.24 5.21 -2.28
N GLY A 182 -12.23 5.92 -1.78
CA GLY A 182 -12.43 6.89 -0.71
C GLY A 182 -12.40 6.22 0.64
N GLY A 183 -11.41 6.55 1.45
CA GLY A 183 -11.28 5.88 2.73
C GLY A 183 -10.28 6.48 3.68
N CYS A 184 -10.09 5.76 4.78
CA CYS A 184 -9.27 6.25 5.88
CA CYS A 184 -9.28 6.23 5.89
C CYS A 184 -8.09 5.31 6.12
N THR A 185 -6.89 5.86 5.97
CA THR A 185 -5.67 5.07 6.15
C THR A 185 -5.67 4.27 7.46
N SER A 186 -6.10 4.89 8.56
CA SER A 186 -6.16 4.25 9.87
C SER A 186 -7.01 2.98 9.89
N GLU A 187 -8.08 2.97 9.10
CA GLU A 187 -8.95 1.79 8.97
C GLU A 187 -8.19 0.59 8.40
N ALA A 188 -7.44 0.82 7.33
CA ALA A 188 -6.57 -0.21 6.75
C ALA A 188 -5.46 -0.62 7.76
N PHE A 189 -4.87 0.36 8.44
CA PHE A 189 -3.88 0.07 9.49
C PHE A 189 -4.44 -0.93 10.53
N GLU A 190 -5.62 -0.62 11.05
CA GLU A 190 -6.30 -1.47 12.04
C GLU A 190 -6.57 -2.85 11.46
N ASP A 191 -7.06 -2.89 10.22
CA ASP A 191 -7.40 -4.15 9.55
C ASP A 191 -6.18 -5.06 9.31
N PHE A 192 -4.98 -4.46 9.37
CA PHE A 192 -3.73 -5.24 9.25
C PHE A 192 -3.07 -5.58 10.57
N THR A 193 -3.58 -5.04 11.69
CA THR A 193 -2.84 -5.16 12.95
C THR A 193 -3.66 -5.41 14.21
N GLY A 194 -4.89 -4.93 14.22
CA GLY A 194 -5.71 -4.95 15.45
C GLY A 194 -5.12 -4.01 16.47
N GLY A 195 -4.30 -3.06 15.99
CA GLY A 195 -3.67 -2.06 16.86
C GLY A 195 -4.49 -0.83 17.19
N VAL A 196 -3.82 0.10 17.89
CA VAL A 196 -4.39 1.36 18.36
C VAL A 196 -3.94 2.53 17.47
N THR A 197 -4.91 3.23 16.88
CA THR A 197 -4.59 4.34 16.01
C THR A 197 -4.80 5.69 16.67
N GLU A 198 -3.94 6.63 16.33
CA GLU A 198 -4.01 8.01 16.80
C GLU A 198 -3.65 8.89 15.60
N TRP A 199 -4.13 10.12 15.62
CA TRP A 199 -3.77 11.09 14.57
C TRP A 199 -3.31 12.39 15.21
N TYR A 200 -2.60 13.18 14.41
CA TYR A 200 -2.03 14.45 14.86
C TYR A 200 -2.37 15.53 13.85
N ASP A 201 -2.79 16.67 14.38
CA ASP A 201 -3.07 17.85 13.59
C ASP A 201 -1.75 18.59 13.44
N LEU A 202 -1.18 18.57 12.24
CA LEU A 202 0.19 19.05 12.04
C LEU A 202 0.32 20.57 12.23
N GLN A 203 -0.80 21.28 12.16
CA GLN A 203 -0.79 22.72 12.41
C GLN A 203 -0.81 23.04 13.91
N LYS A 204 -1.00 22.00 14.72
CA LYS A 204 -0.93 22.10 16.18
C LYS A 204 -0.06 20.97 16.72
N ALA A 205 1.09 20.76 16.09
CA ALA A 205 1.95 19.63 16.40
C ALA A 205 2.62 19.79 17.78
N PRO A 206 2.64 18.71 18.58
CA PRO A 206 3.40 18.77 19.85
C PRO A 206 4.88 19.03 19.56
N SER A 207 5.59 19.65 20.50
CA SER A 207 6.99 20.01 20.31
C SER A 207 7.90 18.80 20.12
N ASP A 208 7.47 17.63 20.63
CA ASP A 208 8.27 16.42 20.53
C ASP A 208 7.79 15.46 19.42
N LEU A 209 6.98 15.98 18.49
CA LEU A 209 6.43 15.14 17.42
C LEU A 209 7.50 14.34 16.64
N TYR A 210 8.62 14.98 16.31
CA TYR A 210 9.67 14.25 15.61
C TYR A 210 10.18 13.04 16.41
N GLN A 211 10.31 13.18 17.73
CA GLN A 211 10.73 12.04 18.56
C GLN A 211 9.66 10.94 18.61
N ILE A 212 8.40 11.36 18.65
CA ILE A 212 7.26 10.42 18.56
C ILE A 212 7.35 9.60 17.25
N ILE A 213 7.63 10.28 16.14
CA ILE A 213 7.78 9.63 14.83
C ILE A 213 8.97 8.65 14.81
N LEU A 214 10.13 9.10 15.29
CA LEU A 214 11.30 8.22 15.38
C LEU A 214 11.02 6.93 16.15
N LYS A 215 10.38 7.08 17.31
CA LYS A 215 10.04 5.96 18.18
C LYS A 215 9.08 4.99 17.50
N ALA A 216 8.04 5.52 16.86
CA ALA A 216 7.05 4.69 16.16
C ALA A 216 7.71 3.90 15.03
N LEU A 217 8.52 4.59 14.23
CA LEU A 217 9.22 3.92 13.14
C LEU A 217 10.10 2.80 13.67
N GLU A 218 10.83 3.09 14.76
CA GLU A 218 11.72 2.10 15.40
C GLU A 218 10.99 0.82 15.81
N ARG A 219 9.80 0.98 16.40
CA ARG A 219 9.06 -0.20 16.88
CA ARG A 219 8.99 -0.14 16.90
C ARG A 219 8.28 -0.92 15.78
N GLY A 220 8.23 -0.33 14.59
CA GLY A 220 7.53 -0.93 13.44
C GLY A 220 6.06 -0.55 13.35
N SER A 221 5.68 0.50 14.07
CA SER A 221 4.35 1.07 13.93
C SER A 221 4.11 1.55 12.50
N LEU A 222 2.85 1.72 12.13
CA LEU A 222 2.51 2.15 10.78
C LEU A 222 2.18 3.64 10.78
N LEU A 223 2.73 4.37 9.82
CA LEU A 223 2.53 5.83 9.75
C LEU A 223 2.12 6.25 8.35
N GLY A 224 1.16 7.18 8.29
CA GLY A 224 0.69 7.75 7.03
C GLY A 224 0.41 9.23 7.20
N CYS A 225 0.42 9.96 6.09
CA CYS A 225 0.10 11.39 6.18
C CYS A 225 -0.72 11.87 4.99
N SER A 226 -1.36 13.03 5.14
CA SER A 226 -2.15 13.59 4.05
C SER A 226 -2.25 15.12 4.14
N ILE A 227 -2.65 15.75 3.04
CA ILE A 227 -2.87 17.20 2.98
C ILE A 227 -4.36 17.43 2.74
N ASN A 228 -5.00 18.14 3.64
CA ASN A 228 -6.41 18.40 3.50
C ASN A 228 -6.70 19.35 2.32
N ILE A 229 -7.74 19.04 1.55
CA ILE A 229 -8.24 20.00 0.56
C ILE A 229 -9.25 20.90 1.28
N SER A 230 -8.82 22.10 1.64
CA SER A 230 -9.57 23.02 2.50
C SER A 230 -10.56 23.89 1.75
N ASP A 231 -10.24 24.23 0.50
CA ASP A 231 -11.12 25.07 -0.32
C ASP A 231 -12.21 24.25 -1.01
N ILE A 232 -11.79 23.17 -1.69
CA ILE A 232 -12.67 22.17 -2.33
C ILE A 232 -11.86 21.33 -3.34
N ARG A 233 -11.06 22.01 -4.16
CA ARG A 233 -10.10 21.40 -5.10
C ARG A 233 -9.45 22.52 -5.92
N ASP A 234 -9.65 23.76 -5.45
CA ASP A 234 -9.38 24.97 -6.24
C ASP A 234 -7.96 25.07 -6.82
N LEU A 235 -6.96 25.09 -5.95
CA LEU A 235 -5.56 25.17 -6.38
C LEU A 235 -5.05 23.82 -6.95
N GLU A 236 -5.98 23.08 -7.59
CA GLU A 236 -5.80 21.70 -8.14
C GLU A 236 -5.73 20.58 -7.09
N ALA A 237 -5.83 19.34 -7.56
CA ALA A 237 -5.48 18.17 -6.74
C ALA A 237 -3.98 18.19 -6.43
N ILE A 238 -3.18 18.59 -7.41
CA ILE A 238 -1.71 18.66 -7.27
C ILE A 238 -1.25 20.08 -6.92
N THR A 239 -0.44 20.21 -5.86
CA THR A 239 0.05 21.52 -5.40
C THR A 239 1.15 22.06 -6.31
N PHE A 240 1.54 23.32 -6.05
CA PHE A 240 2.62 23.93 -6.83
C PHE A 240 3.96 23.18 -6.76
N LYS A 241 4.22 22.51 -5.62
CA LYS A 241 5.46 21.75 -5.43
C LYS A 241 5.30 20.23 -5.67
N ASN A 242 4.23 19.88 -6.37
CA ASN A 242 4.00 18.50 -6.83
C ASN A 242 3.58 17.50 -5.73
N LEU A 243 2.95 18.00 -4.67
CA LEU A 243 2.27 17.14 -3.70
C LEU A 243 0.83 16.94 -4.13
N VAL A 244 0.27 15.78 -3.81
CA VAL A 244 -1.12 15.50 -4.11
C VAL A 244 -1.99 15.71 -2.85
N ARG A 245 -3.02 16.55 -2.94
CA ARG A 245 -3.94 16.78 -1.80
C ARG A 245 -5.05 15.72 -1.72
N GLY A 246 -5.62 15.57 -0.52
CA GLY A 246 -6.68 14.59 -0.26
C GLY A 246 -6.26 13.16 -0.60
N HIS A 247 -4.97 12.87 -0.40
CA HIS A 247 -4.31 11.66 -0.88
C HIS A 247 -3.42 11.06 0.19
N ALA A 248 -3.54 9.75 0.39
CA ALA A 248 -2.75 9.05 1.40
C ALA A 248 -1.30 8.77 0.97
N TYR A 249 -0.35 9.26 1.78
CA TYR A 249 1.06 8.89 1.66
C TYR A 249 1.47 8.00 2.83
N SER A 250 2.45 7.14 2.57
CA SER A 250 3.10 6.34 3.62
C SER A 250 4.29 7.14 4.16
N VAL A 251 4.46 7.14 5.48
CA VAL A 251 5.67 7.71 6.05
C VAL A 251 6.63 6.53 6.24
N THR A 252 7.81 6.60 5.61
CA THR A 252 8.70 5.42 5.53
C THR A 252 10.07 5.51 6.21
N ASP A 253 10.41 6.70 6.70
CA ASP A 253 11.66 6.85 7.46
C ASP A 253 11.73 8.24 8.07
N ALA A 254 12.66 8.37 9.00
CA ALA A 254 12.98 9.66 9.62
C ALA A 254 14.46 9.57 9.97
N LYS A 255 15.25 10.46 9.37
CA LYS A 255 16.69 10.46 9.53
C LYS A 255 17.19 11.90 9.60
N GLN A 256 18.38 12.08 10.18
CA GLN A 256 18.95 13.41 10.38
CA GLN A 256 18.97 13.42 10.38
C GLN A 256 20.21 13.56 9.53
N VAL A 257 20.45 14.77 8.99
CA VAL A 257 21.64 15.00 8.17
C VAL A 257 22.41 16.21 8.69
N THR A 258 23.67 16.32 8.30
CA THR A 258 24.49 17.47 8.67
C THR A 258 24.58 18.42 7.47
N TYR A 259 23.81 19.49 7.53
CA TYR A 259 23.70 20.42 6.44
C TYR A 259 24.51 21.66 6.79
N GLN A 260 25.62 21.85 6.07
CA GLN A 260 26.62 22.89 6.37
C GLN A 260 26.95 22.95 7.86
N GLY A 261 27.31 21.80 8.42
CA GLY A 261 27.72 21.72 9.83
C GLY A 261 26.64 21.83 10.90
N GLN A 262 25.36 21.80 10.49
CA GLN A 262 24.22 21.90 11.42
CA GLN A 262 24.27 21.84 11.46
C GLN A 262 23.26 20.73 11.16
N ARG A 263 22.79 20.08 12.23
CA ARG A 263 21.82 18.98 12.05
C ARG A 263 20.50 19.50 11.47
N VAL A 264 19.94 18.73 10.54
CA VAL A 264 18.62 19.00 10.00
C VAL A 264 17.85 17.68 10.09
N ASN A 265 16.64 17.75 10.66
CA ASN A 265 15.76 16.57 10.79
C ASN A 265 14.99 16.37 9.51
N LEU A 266 15.09 15.17 8.94
CA LEU A 266 14.38 14.83 7.69
C LEU A 266 13.34 13.74 7.94
N ILE A 267 12.35 13.70 7.05
CA ILE A 267 11.32 12.65 7.07
C ILE A 267 11.13 12.16 5.63
N ARG A 268 10.89 10.86 5.47
CA ARG A 268 10.75 10.25 4.15
C ARG A 268 9.36 9.69 4.00
N MET A 269 8.75 9.96 2.85
CA MET A 269 7.45 9.38 2.59
CA MET A 269 7.35 9.62 2.51
C MET A 269 7.32 8.87 1.18
N ARG A 270 6.24 8.13 0.95
CA ARG A 270 6.07 7.49 -0.36
C ARG A 270 4.65 7.60 -0.93
N ASN A 271 4.55 8.16 -2.13
CA ASN A 271 3.28 8.25 -2.83
C ASN A 271 2.96 6.82 -3.35
N PRO A 272 1.80 6.26 -2.93
CA PRO A 272 1.42 4.90 -3.39
C PRO A 272 1.22 4.77 -4.91
N TRP A 273 1.23 5.89 -5.64
CA TRP A 273 1.33 5.79 -7.11
C TRP A 273 2.64 5.18 -7.59
N GLY A 274 3.69 5.23 -6.77
CA GLY A 274 5.02 4.78 -7.18
C GLY A 274 5.69 5.80 -8.10
N GLU A 275 5.12 7.02 -8.11
CA GLU A 275 5.59 8.15 -8.90
C GLU A 275 4.92 9.45 -8.42
N VAL A 276 5.39 10.60 -8.94
CA VAL A 276 4.87 11.94 -8.61
C VAL A 276 5.27 12.37 -7.20
N GLU A 277 6.36 13.13 -7.14
CA GLU A 277 7.01 13.48 -5.89
C GLU A 277 7.18 14.99 -5.68
N TRP A 278 7.24 15.38 -4.41
CA TRP A 278 7.74 16.67 -3.93
C TRP A 278 8.95 17.13 -4.72
N LYS A 279 8.93 18.41 -5.09
CA LYS A 279 10.03 19.06 -5.83
C LYS A 279 10.66 20.20 -5.02
N GLY A 280 10.37 20.29 -3.72
CA GLY A 280 10.97 21.32 -2.88
C GLY A 280 12.31 20.89 -2.28
N PRO A 281 12.81 21.67 -1.30
CA PRO A 281 14.03 21.27 -0.60
C PRO A 281 14.04 19.80 -0.16
N TRP A 282 15.18 19.15 -0.40
CA TRP A 282 15.41 17.74 -0.04
C TRP A 282 14.84 16.71 -1.01
N SER A 283 14.05 17.17 -2.00
CA SER A 283 13.59 16.30 -3.09
C SER A 283 14.80 15.73 -3.83
N ASP A 284 14.58 14.69 -4.63
CA ASP A 284 15.69 13.93 -5.23
C ASP A 284 16.73 14.79 -5.96
N ASN A 285 16.24 15.84 -6.63
CA ASN A 285 17.05 16.70 -7.51
C ASN A 285 17.40 18.06 -6.91
N SER A 286 17.06 18.23 -5.63
CA SER A 286 17.25 19.51 -4.95
C SER A 286 18.73 19.80 -4.69
N TYR A 287 19.06 21.08 -4.51
CA TYR A 287 20.44 21.48 -4.21
C TYR A 287 20.91 21.12 -2.80
N GLU A 288 19.98 20.90 -1.87
CA GLU A 288 20.37 20.67 -0.46
C GLU A 288 21.35 19.51 -0.25
N TRP A 289 21.23 18.46 -1.05
CA TRP A 289 22.08 17.27 -0.93
C TRP A 289 23.57 17.56 -1.20
N ASN A 290 23.82 18.61 -2.00
CA ASN A 290 25.19 19.07 -2.29
C ASN A 290 25.96 19.48 -1.04
N LYS A 291 25.26 19.77 0.07
CA LYS A 291 25.86 20.39 1.25
C LYS A 291 25.78 19.56 2.53
N VAL A 292 25.51 18.28 2.38
CA VAL A 292 25.59 17.35 3.50
C VAL A 292 26.86 16.52 3.46
N ASP A 293 27.08 15.72 4.50
CA ASP A 293 28.17 14.76 4.50
C ASP A 293 27.98 13.80 3.31
N PRO A 294 29.04 13.59 2.50
CA PRO A 294 28.95 12.70 1.31
C PRO A 294 28.37 11.31 1.62
N TYR A 295 28.78 10.74 2.75
CA TYR A 295 28.27 9.48 3.25
C TYR A 295 26.76 9.51 3.52
N GLU A 296 26.30 10.55 4.23
CA GLU A 296 24.87 10.78 4.46
C GLU A 296 24.08 10.84 3.15
N ARG A 297 24.64 11.56 2.17
CA ARG A 297 24.04 11.67 0.83
C ARG A 297 23.90 10.30 0.17
N GLU A 298 24.96 9.51 0.23
CA GLU A 298 24.96 8.19 -0.41
C GLU A 298 24.02 7.18 0.30
N GLN A 299 23.92 7.30 1.63
CA GLN A 299 23.04 6.42 2.41
C GLN A 299 21.56 6.76 2.23
N LEU A 300 21.24 8.04 2.07
CA LEU A 300 19.86 8.50 2.16
C LEU A 300 19.20 8.82 0.83
N ARG A 301 19.91 9.55 -0.04
CA ARG A 301 19.31 10.02 -1.28
C ARG A 301 19.31 8.91 -2.31
N VAL A 302 18.17 8.74 -2.98
CA VAL A 302 18.06 7.83 -4.13
C VAL A 302 17.41 8.64 -5.24
N LYS A 303 18.19 8.88 -6.29
CA LYS A 303 17.69 9.59 -7.46
C LYS A 303 16.91 8.64 -8.37
N MET A 304 15.61 8.52 -8.07
CA MET A 304 14.70 7.62 -8.80
CA MET A 304 14.70 7.67 -8.85
C MET A 304 13.28 8.18 -8.73
N GLU A 305 12.57 8.15 -9.86
CA GLU A 305 11.13 8.45 -9.86
C GLU A 305 10.42 7.18 -9.40
N ASP A 306 10.21 7.09 -8.09
CA ASP A 306 9.70 5.87 -7.46
C ASP A 306 8.58 6.19 -6.47
N GLY A 307 8.18 7.47 -6.43
CA GLY A 307 7.18 7.97 -5.48
C GLY A 307 7.69 8.32 -4.09
N GLU A 308 8.94 7.96 -3.81
CA GLU A 308 9.49 8.14 -2.48
C GLU A 308 10.46 9.32 -2.45
N PHE A 309 10.40 10.11 -1.38
CA PHE A 309 11.27 11.30 -1.29
C PHE A 309 11.38 11.77 0.16
N TRP A 310 12.38 12.62 0.38
CA TRP A 310 12.59 13.29 1.66
C TRP A 310 12.05 14.74 1.71
N MET A 311 11.68 15.18 2.91
CA MET A 311 11.43 16.59 3.21
C MET A 311 12.10 16.91 4.55
N SER A 312 12.41 18.17 4.80
CA SER A 312 12.75 18.50 6.17
C SER A 312 11.47 18.39 7.00
N PHE A 313 11.65 18.08 8.28
CA PHE A 313 10.51 18.01 9.16
C PHE A 313 9.76 19.35 9.21
N ARG A 314 10.53 20.45 9.19
CA ARG A 314 9.97 21.78 9.15
CA ARG A 314 9.98 21.80 9.14
C ARG A 314 9.02 21.96 7.96
N ASP A 315 9.48 21.57 6.76
CA ASP A 315 8.62 21.69 5.56
C ASP A 315 7.44 20.71 5.61
N PHE A 316 7.71 19.52 6.12
CA PHE A 316 6.67 18.50 6.30
C PHE A 316 5.49 19.02 7.10
N ILE A 317 5.75 19.65 8.26
CA ILE A 317 4.64 20.11 9.08
C ILE A 317 3.92 21.34 8.51
N ARG A 318 4.56 22.02 7.58
CA ARG A 318 3.91 23.15 6.93
C ARG A 318 3.01 22.66 5.78
N GLU A 319 3.51 21.71 5.00
CA GLU A 319 2.82 21.25 3.78
C GLU A 319 1.70 20.26 4.07
N PHE A 320 2.00 19.29 4.93
CA PHE A 320 1.00 18.30 5.34
C PHE A 320 0.14 18.78 6.51
N THR A 321 -1.03 18.18 6.68
CA THR A 321 -1.97 18.64 7.68
C THR A 321 -2.31 17.55 8.72
N LYS A 322 -2.19 16.27 8.31
CA LYS A 322 -2.59 15.15 9.16
C LYS A 322 -1.53 14.04 9.14
N LEU A 323 -1.22 13.52 10.32
CA LEU A 323 -0.37 12.35 10.47
C LEU A 323 -1.15 11.29 11.25
N GLU A 324 -1.14 10.05 10.77
CA GLU A 324 -1.79 8.92 11.43
C GLU A 324 -0.73 7.89 11.83
N ILE A 325 -0.82 7.37 13.06
CA ILE A 325 0.10 6.37 13.55
C ILE A 325 -0.72 5.26 14.17
N CYS A 326 -0.45 4.03 13.73
CA CYS A 326 -1.03 2.84 14.34
C CYS A 326 0.04 2.09 15.12
N ASN A 327 -0.14 2.01 16.44
CA ASN A 327 0.82 1.33 17.31
C ASN A 327 0.42 -0.11 17.62
N LEU A 328 1.38 -1.04 17.51
CA LEU A 328 1.12 -2.45 17.84
C LEU A 328 1.60 -2.81 19.25
N THR A 329 1.70 -4.11 19.51
CA THR A 329 2.32 -4.67 20.72
C THR A 329 3.82 -4.80 20.52
CA CA B . 8.99 -7.36 -4.71
CA CA C . 12.26 9.37 -5.51
CL CL D . 5.79 -18.05 -7.24
CL CL E . -15.96 -21.97 -1.66
CL CL F . -21.47 -7.58 -16.67
CAU K2Z G . -3.54 8.17 -10.12
CAS K2Z G . -2.18 7.65 -10.61
NBK K2Z G . -2.39 6.62 -11.63
CAE K2Z G . -1.07 6.14 -12.09
CAT K2Z G . -3.16 5.51 -11.05
CAV K2Z G . -4.53 6.05 -10.59
NBL K2Z G . -4.33 7.05 -9.54
CAR K2Z G . -5.66 7.52 -9.05
CAP K2Z G . -5.52 8.30 -7.72
CAQ K2Z G . -6.56 7.80 -6.72
NAY K2Z G . -6.52 8.55 -5.43
CBF K2Z G . -6.77 7.91 -4.29
OAH K2Z G . -7.02 6.71 -4.20
CBM K2Z G . -6.79 8.73 -2.99
OAI K2Z G . -6.12 10.02 -3.09
CBJ K2Z G . -8.24 8.87 -2.50
CAO K2Z G . -9.18 9.55 -3.53
CAA K2Z G . -10.63 9.59 -3.03
NBA K2Z G . -8.21 9.59 -1.22
C K2Z G . -8.85 9.13 -0.15
O K2Z G . -9.54 8.11 -0.13
CA K2Z G . -8.71 10.02 1.10
CB K2Z G . -7.49 9.54 1.92
CG K2Z G . -7.21 10.44 3.14
CD2 K2Z G . -5.94 9.93 3.84
CD1 K2Z G . -7.03 11.92 2.78
N K2Z G . -9.94 9.90 1.90
CBD K2Z G . -11.13 10.35 1.46
OAF K2Z G . -11.25 10.95 0.39
OBB K2Z G . -12.18 10.15 2.28
CAW K2Z G . -13.48 10.06 1.62
CBG K2Z G . -14.42 9.08 2.00
CAM K2Z G . -14.58 8.73 3.34
CAK K2Z G . -15.51 7.75 3.72
CAJ K2Z G . -16.28 7.11 2.72
CAL K2Z G . -16.11 7.45 1.38
CAN K2Z G . -15.18 8.43 1.02
C1 GOL H . -10.62 -19.63 -17.62
O1 GOL H . -11.94 -19.88 -18.13
C2 GOL H . -10.59 -18.93 -16.26
O2 GOL H . -9.25 -19.00 -15.77
C3 GOL H . -11.51 -19.66 -15.27
O3 GOL H . -10.88 -20.79 -14.69
C1 GOL I . 0.69 -9.77 -20.89
O1 GOL I . 1.14 -10.25 -22.15
C2 GOL I . 1.43 -8.50 -20.48
O2 GOL I . 1.02 -7.41 -21.27
C3 GOL I . 2.95 -8.64 -20.49
O3 GOL I . 3.52 -7.68 -19.60
#